data_4C6Q
#
_entry.id   4C6Q
#
_cell.length_a   82.070
_cell.length_b   158.653
_cell.length_c   61.661
_cell.angle_alpha   90.00
_cell.angle_beta   90.00
_cell.angle_gamma   90.00
#
_symmetry.space_group_name_H-M   'C 2 2 21'
#
loop_
_entity.id
_entity.type
_entity.pdbx_description
1 polymer 'CAD PROTEIN'
2 non-polymer 'OROTIC ACID'
3 non-polymer 'ZINC ION'
4 non-polymer N-CARBAMOYL-L-ASPARTATE
5 non-polymer 'FORMIC ACID'
6 water water
#
_entity_poly.entity_id   1
_entity_poly.type   'polypeptide(L)'
_entity_poly.pdbx_seq_one_letter_code
;GPMTSQKLVRLPGLIDVHVHLREPGGTHKEDFASGTAAALAGGITMVCAMPNTRPPIIDAPALALAQKLAEAGARCDFAL
FLGASSENAGTLGTVAGSAAGL(KCX)LYLNETFSELRLDSVVQWMEHFETWPSHLPIVAHAEQQTVAAVLMVAQLTQRS
VHISHVARKEEILLIKAAKARGLPVTCEVAPHHLFLSHDDLERLGPGKGEVRPELGSRQDVEALWENMAVIDCFASDHAP
HTLEEKCGSRPPPGFPGLETMLPLLLTAVSEGRLSLDDLLQRLHHNPRRIFHLPPQEDTYVEVDLEHEWTIPSHMPFSKA
HWTPFEGQKVKGTVRRVVLRGEVAYIDGQVLVPPGYGQDVRKWPQGAVPQLPPSAPATSEMTTTPERPRRGIPGLPD
;
_entity_poly.pdbx_strand_id   A
#
# COMPACT_ATOMS: atom_id res chain seq x y z
N LYS A 7 30.26 -3.15 -2.98
CA LYS A 7 29.94 -2.76 -1.60
C LYS A 7 28.43 -2.59 -1.43
N LEU A 8 27.85 -3.36 -0.51
CA LEU A 8 26.40 -3.35 -0.32
C LEU A 8 26.00 -2.30 0.71
N VAL A 9 24.79 -1.78 0.58
CA VAL A 9 24.27 -0.83 1.55
C VAL A 9 23.22 -1.52 2.38
N ARG A 10 23.35 -1.38 3.69
CA ARG A 10 22.41 -1.97 4.63
C ARG A 10 21.30 -0.99 4.94
N LEU A 11 20.08 -1.42 4.66
CA LEU A 11 18.88 -0.68 4.97
C LEU A 11 18.12 -1.39 6.08
N PRO A 12 17.30 -0.64 6.81
CA PRO A 12 16.40 -1.27 7.78
C PRO A 12 15.31 -2.05 7.04
N GLY A 13 14.56 -2.86 7.76
CA GLY A 13 13.44 -3.57 7.16
C GLY A 13 12.37 -2.61 6.67
N LEU A 14 12.12 -2.62 5.37
CA LEU A 14 11.14 -1.68 4.81
C LEU A 14 9.71 -2.18 4.97
N ILE A 15 8.77 -1.23 4.98
CA ILE A 15 7.38 -1.48 5.28
C ILE A 15 6.52 -0.95 4.15
N ASP A 16 5.64 -1.78 3.61
CA ASP A 16 4.67 -1.35 2.61
C ASP A 16 3.28 -1.40 3.23
N VAL A 17 2.69 -0.23 3.46
CA VAL A 17 1.41 -0.14 4.17
C VAL A 17 0.20 -0.35 3.27
N HIS A 18 0.42 -0.75 2.02
CA HIS A 18 -0.71 -0.85 1.09
C HIS A 18 -0.50 -1.95 0.06
N VAL A 19 -0.87 -3.17 0.41
CA VAL A 19 -0.78 -4.30 -0.52
C VAL A 19 -2.06 -5.07 -0.54
N HIS A 20 -2.30 -5.75 -1.66
CA HIS A 20 -3.46 -6.60 -1.83
C HIS A 20 -2.92 -8.00 -2.07
N LEU A 21 -3.17 -8.90 -1.12
CA LEU A 21 -2.60 -10.24 -1.18
C LEU A 21 -3.65 -11.28 -1.59
N ARG A 22 -4.88 -10.83 -1.79
CA ARG A 22 -5.91 -11.59 -2.53
C ARG A 22 -6.46 -12.84 -1.85
N GLU A 23 -5.89 -13.20 -0.70
CA GLU A 23 -6.34 -14.36 0.03
C GLU A 23 -7.06 -13.82 1.26
N PRO A 24 -8.29 -14.28 1.53
CA PRO A 24 -9.03 -15.35 0.82
C PRO A 24 -9.71 -14.89 -0.47
N GLY A 25 -9.93 -15.83 -1.38
CA GLY A 25 -10.89 -15.64 -2.46
C GLY A 25 -10.42 -15.28 -3.84
N GLY A 26 -9.17 -14.84 -3.97
CA GLY A 26 -8.63 -14.49 -5.27
C GLY A 26 -7.26 -15.10 -5.45
N THR A 27 -7.08 -16.32 -4.96
CA THR A 27 -5.74 -16.89 -4.84
C THR A 27 -5.04 -17.21 -6.16
N HIS A 28 -5.77 -17.17 -7.28
CA HIS A 28 -5.13 -17.29 -8.59
C HIS A 28 -4.35 -16.03 -8.96
N LYS A 29 -4.68 -14.91 -8.31
CA LYS A 29 -4.01 -13.64 -8.58
C LYS A 29 -2.77 -13.48 -7.72
N GLU A 30 -2.85 -14.03 -6.51
CA GLU A 30 -1.81 -13.92 -5.48
C GLU A 30 -2.32 -14.65 -4.24
N ASP A 31 -1.44 -15.14 -3.39
CA ASP A 31 -1.86 -15.52 -2.03
C ASP A 31 -0.84 -15.00 -1.03
N PHE A 32 -1.04 -15.26 0.25
CA PHE A 32 -0.12 -14.75 1.24
C PHE A 32 1.30 -15.22 0.96
N ALA A 33 1.44 -16.48 0.59
CA ALA A 33 2.76 -17.04 0.36
C ALA A 33 3.45 -16.38 -0.83
N SER A 34 2.76 -16.20 -1.95
CA SER A 34 3.41 -15.67 -3.14
C SER A 34 3.61 -14.15 -3.00
N GLY A 35 2.62 -13.47 -2.42
CA GLY A 35 2.71 -12.03 -2.25
C GLY A 35 3.78 -11.60 -1.28
N THR A 36 3.97 -12.37 -0.21
CA THR A 36 5.02 -12.04 0.76
C THR A 36 6.41 -12.46 0.25
N ALA A 37 6.47 -13.46 -0.63
CA ALA A 37 7.71 -13.77 -1.33
C ALA A 37 8.08 -12.57 -2.20
N ALA A 38 7.08 -12.02 -2.87
CA ALA A 38 7.27 -10.84 -3.72
C ALA A 38 7.74 -9.66 -2.87
N ALA A 39 7.15 -9.52 -1.69
CA ALA A 39 7.57 -8.45 -0.77
C ALA A 39 9.05 -8.59 -0.39
N LEU A 40 9.44 -9.78 0.05
CA LEU A 40 10.83 -10.00 0.47
C LEU A 40 11.79 -9.72 -0.68
N ALA A 41 11.45 -10.17 -1.88
CA ALA A 41 12.28 -9.93 -3.05
C ALA A 41 12.44 -8.45 -3.37
N GLY A 42 11.46 -7.66 -2.94
CA GLY A 42 11.49 -6.21 -3.12
C GLY A 42 12.05 -5.47 -1.91
N GLY A 43 12.65 -6.20 -0.97
CA GLY A 43 13.26 -5.58 0.21
C GLY A 43 12.27 -5.14 1.26
N ILE A 44 11.06 -5.69 1.22
CA ILE A 44 9.99 -5.35 2.15
CA ILE A 44 10.01 -5.34 2.16
C ILE A 44 9.83 -6.47 3.18
N THR A 45 9.91 -6.12 4.47
CA THR A 45 9.86 -7.14 5.53
C THR A 45 8.57 -7.09 6.34
N MET A 46 7.73 -6.10 6.06
CA MET A 46 6.44 -5.98 6.73
C MET A 46 5.44 -5.35 5.78
N VAL A 47 4.25 -5.94 5.70
CA VAL A 47 3.20 -5.43 4.82
C VAL A 47 1.90 -5.27 5.55
N CYS A 48 1.09 -4.30 5.11
CA CYS A 48 -0.27 -4.15 5.61
C CYS A 48 -1.22 -4.49 4.48
N ALA A 49 -2.01 -5.53 4.70
CA ALA A 49 -2.87 -6.12 3.67
C ALA A 49 -4.28 -5.55 3.69
N MET A 50 -4.70 -5.08 2.51
CA MET A 50 -6.01 -4.46 2.37
C MET A 50 -7.16 -5.46 2.46
N PRO A 51 -8.38 -4.98 2.79
CA PRO A 51 -9.48 -5.85 3.16
C PRO A 51 -10.45 -6.23 2.05
N ASN A 52 -10.16 -5.85 0.80
CA ASN A 52 -11.10 -6.06 -0.30
C ASN A 52 -10.94 -7.43 -0.92
N THR A 53 -10.86 -8.43 -0.04
CA THR A 53 -10.77 -9.84 -0.44
C THR A 53 -12.18 -10.41 -0.59
N ARG A 54 -12.26 -11.73 -0.82
CA ARG A 54 -13.54 -12.43 -0.95
CA ARG A 54 -13.54 -12.42 -0.94
C ARG A 54 -13.60 -13.67 -0.06
N PRO A 55 -14.35 -13.61 1.05
CA PRO A 55 -15.16 -12.48 1.55
C PRO A 55 -14.28 -11.28 1.94
N PRO A 56 -14.83 -10.06 1.93
CA PRO A 56 -14.06 -8.92 2.41
C PRO A 56 -13.93 -8.92 3.93
N ILE A 57 -12.88 -8.27 4.45
CA ILE A 57 -12.60 -8.30 5.87
C ILE A 57 -13.37 -7.18 6.55
N ILE A 58 -14.65 -7.43 6.78
CA ILE A 58 -15.56 -6.38 7.26
C ILE A 58 -16.28 -6.77 8.55
N ASP A 59 -15.89 -7.91 9.13
CA ASP A 59 -16.46 -8.32 10.41
C ASP A 59 -15.48 -9.23 11.13
N ALA A 60 -15.80 -9.53 12.39
CA ALA A 60 -14.89 -10.31 13.22
C ALA A 60 -14.59 -11.71 12.64
N PRO A 61 -15.63 -12.43 12.18
CA PRO A 61 -15.33 -13.76 11.62
C PRO A 61 -14.42 -13.72 10.37
N ALA A 62 -14.58 -12.72 9.50
CA ALA A 62 -13.74 -12.64 8.31
C ALA A 62 -12.30 -12.33 8.72
N LEU A 63 -12.16 -11.46 9.72
CA LEU A 63 -10.83 -11.09 10.21
C LEU A 63 -10.14 -12.30 10.83
N ALA A 64 -10.90 -13.09 11.57
CA ALA A 64 -10.36 -14.29 12.23
C ALA A 64 -9.86 -15.28 11.18
N LEU A 65 -10.63 -15.45 10.12
CA LEU A 65 -10.21 -16.31 9.01
C LEU A 65 -8.92 -15.77 8.36
N ALA A 66 -8.92 -14.48 8.02
CA ALA A 66 -7.77 -13.87 7.37
C ALA A 66 -6.50 -13.99 8.23
N GLN A 67 -6.64 -13.80 9.54
CA GLN A 67 -5.50 -13.92 10.46
C GLN A 67 -4.86 -15.31 10.37
N LYS A 68 -5.67 -16.35 10.34
CA LYS A 68 -5.12 -17.70 10.28
C LYS A 68 -4.50 -17.99 8.93
N LEU A 69 -5.14 -17.53 7.85
CA LEU A 69 -4.57 -17.69 6.52
C LEU A 69 -3.23 -16.98 6.42
N ALA A 70 -3.14 -15.77 6.95
CA ALA A 70 -1.90 -15.02 6.93
C ALA A 70 -0.82 -15.68 7.80
N GLU A 71 -1.19 -16.13 8.99
CA GLU A 71 -0.22 -16.74 9.88
C GLU A 71 0.36 -18.03 9.29
N ALA A 72 -0.43 -18.69 8.46
CA ALA A 72 -0.02 -19.96 7.85
C ALA A 72 0.73 -19.78 6.53
N GLY A 73 0.44 -18.66 5.83
CA GLY A 73 0.97 -18.42 4.50
C GLY A 73 2.04 -17.34 4.39
N ALA A 74 2.01 -16.34 5.25
CA ALA A 74 2.93 -15.22 5.14
C ALA A 74 4.37 -15.62 5.41
N ARG A 75 5.28 -15.06 4.60
CA ARG A 75 6.72 -15.30 4.76
C ARG A 75 7.38 -14.10 5.42
N CYS A 76 6.72 -12.94 5.33
CA CYS A 76 7.17 -11.76 6.09
C CYS A 76 6.10 -11.33 7.07
N ASP A 77 6.42 -10.36 7.92
CA ASP A 77 5.49 -9.96 8.95
C ASP A 77 4.38 -9.07 8.37
N PHE A 78 3.28 -8.94 9.09
CA PHE A 78 2.12 -8.29 8.50
C PHE A 78 1.16 -7.74 9.56
N ALA A 79 0.29 -6.85 9.11
CA ALA A 79 -0.91 -6.47 9.82
C ALA A 79 -2.05 -6.45 8.80
N LEU A 80 -3.27 -6.73 9.26
CA LEU A 80 -4.43 -6.82 8.38
C LEU A 80 -5.39 -5.67 8.62
N PHE A 81 -5.76 -4.97 7.54
CA PHE A 81 -6.82 -3.96 7.61
C PHE A 81 -8.20 -4.56 7.80
N LEU A 82 -9.05 -3.82 8.50
CA LEU A 82 -10.51 -3.97 8.41
C LEU A 82 -11.02 -3.00 7.35
N GLY A 83 -12.13 -3.35 6.72
CA GLY A 83 -12.76 -2.48 5.72
C GLY A 83 -14.08 -1.95 6.25
N ALA A 84 -14.36 -0.69 5.95
CA ALA A 84 -15.63 -0.07 6.30
C ALA A 84 -16.68 -0.53 5.30
N SER A 85 -17.88 -0.83 5.81
CA SER A 85 -19.01 -1.14 4.96
C SER A 85 -20.21 -0.29 5.34
N SER A 86 -21.28 -0.44 4.58
CA SER A 86 -22.51 0.28 4.84
C SER A 86 -23.27 -0.26 6.04
N GLU A 87 -22.76 -1.32 6.68
CA GLU A 87 -23.48 -2.00 7.75
CA GLU A 87 -23.49 -1.97 7.77
C GLU A 87 -22.67 -2.13 9.04
N ASN A 88 -21.36 -1.92 8.97
CA ASN A 88 -20.52 -2.31 10.11
C ASN A 88 -20.03 -1.21 11.05
N ALA A 89 -20.42 0.04 10.80
CA ALA A 89 -20.05 1.11 11.72
C ALA A 89 -20.63 0.83 13.11
N GLY A 90 -19.78 0.95 14.12
CA GLY A 90 -20.20 0.74 15.49
C GLY A 90 -20.17 -0.72 15.92
N THR A 91 -19.70 -1.61 15.04
CA THR A 91 -19.65 -3.03 15.33
C THR A 91 -18.24 -3.60 15.48
N LEU A 92 -17.21 -2.78 15.21
CA LEU A 92 -15.84 -3.30 15.13
C LEU A 92 -14.98 -3.02 16.37
N GLY A 93 -15.58 -2.50 17.42
CA GLY A 93 -14.81 -2.03 18.58
C GLY A 93 -13.97 -3.08 19.28
N THR A 94 -14.46 -4.31 19.35
CA THR A 94 -13.79 -5.39 20.04
CA THR A 94 -13.74 -5.34 20.07
C THR A 94 -12.54 -5.86 19.29
N VAL A 95 -12.59 -5.79 17.95
CA VAL A 95 -11.49 -6.29 17.13
C VAL A 95 -10.63 -5.17 16.48
N ALA A 96 -11.04 -3.92 16.63
CA ALA A 96 -10.38 -2.81 15.95
C ALA A 96 -8.88 -2.74 16.23
N GLY A 97 -8.50 -2.90 17.50
CA GLY A 97 -7.11 -2.80 17.88
C GLY A 97 -6.22 -3.91 17.35
N SER A 98 -6.82 -4.98 16.83
CA SER A 98 -6.05 -6.10 16.29
CA SER A 98 -6.06 -6.11 16.28
C SER A 98 -5.73 -5.89 14.81
N ALA A 99 -6.34 -4.87 14.21
CA ALA A 99 -6.16 -4.57 12.79
C ALA A 99 -5.10 -3.51 12.53
N ALA A 100 -4.58 -3.48 11.31
CA ALA A 100 -3.68 -2.40 10.88
C ALA A 100 -4.36 -1.03 11.07
N GLY A 101 -5.65 -0.99 10.74
CA GLY A 101 -6.41 0.24 10.72
C GLY A 101 -7.72 -0.05 10.01
N LEU A 102 -8.50 0.99 9.73
CA LEU A 102 -9.76 0.88 8.99
C LEU A 102 -9.62 1.55 7.62
N LEU A 104 -11.40 2.87 4.22
CA LEU A 104 -12.61 3.35 3.56
C LEU A 104 -12.42 3.44 2.04
N TYR A 105 -13.30 2.81 1.28
CA TYR A 105 -13.28 2.90 -0.17
C TYR A 105 -14.33 3.94 -0.60
N LEU A 106 -13.87 5.12 -1.02
CA LEU A 106 -14.78 6.25 -1.25
C LEU A 106 -15.05 6.54 -2.74
N ASN A 107 -14.37 5.80 -3.61
N ASN A 107 -14.40 5.80 -3.62
CA ASN A 107 -14.53 5.94 -5.07
CA ASN A 107 -14.71 5.89 -5.04
C ASN A 107 -14.63 4.57 -5.76
C ASN A 107 -15.21 4.51 -5.50
N GLU A 108 -15.02 4.60 -7.03
N GLU A 108 -14.93 4.14 -6.74
CA GLU A 108 -15.13 3.37 -7.84
CA GLU A 108 -15.44 2.89 -7.33
C GLU A 108 -13.76 2.75 -8.09
C GLU A 108 -14.88 1.65 -6.64
N THR A 109 -13.66 1.45 -7.85
N THR A 109 -15.76 0.77 -6.16
CA THR A 109 -12.40 0.74 -7.93
CA THR A 109 -15.34 -0.49 -5.55
C THR A 109 -12.65 -0.77 -7.71
C THR A 109 -16.44 -1.55 -5.53
N PHE A 110 -11.59 -1.56 -7.54
N PHE A 110 -16.15 -2.69 -4.90
CA PHE A 110 -11.73 -2.99 -7.35
CA PHE A 110 -17.11 -3.78 -4.72
C PHE A 110 -12.14 -3.30 -5.90
C PHE A 110 -18.32 -3.32 -3.91
N SER A 111 -13.44 -3.23 -5.65
N SER A 111 -19.48 -3.92 -4.19
CA SER A 111 -13.98 -3.46 -4.30
CA SER A 111 -20.72 -3.54 -3.51
C SER A 111 -15.49 -3.33 -4.34
C SER A 111 -20.65 -3.67 -1.98
N GLU A 112 -16.16 -4.05 -3.44
N GLU A 112 -19.92 -4.66 -1.49
CA GLU A 112 -17.62 -4.01 -3.34
CA GLU A 112 -19.84 -4.90 -0.04
C GLU A 112 -18.02 -3.11 -2.18
C GLU A 112 -19.13 -3.77 0.72
N LEU A 113 -17.04 -2.49 -1.54
N LEU A 113 -18.24 -3.05 0.04
CA LEU A 113 -17.22 -1.80 -0.27
CA LEU A 113 -17.47 -1.96 0.65
C LEU A 113 -17.48 -0.30 -0.39
C LEU A 113 -17.98 -0.57 0.21
N ARG A 114 -18.07 0.12 -1.50
N ARG A 114 -19.04 -0.56 -0.58
CA ARG A 114 -18.46 1.50 -1.64
CA ARG A 114 -19.60 0.67 -1.11
C ARG A 114 -19.52 1.88 -0.58
C ARG A 114 -20.25 1.47 0.01
N LEU A 115 -19.40 3.09 -0.02
N LEU A 115 -19.87 2.74 0.11
CA LEU A 115 -20.40 3.63 0.90
CA LEU A 115 -20.48 3.67 1.06
C LEU A 115 -21.37 4.52 0.11
C LEU A 115 -21.34 4.67 0.30
N ASP A 116 -22.64 4.60 0.53
CA ASP A 116 -23.67 5.33 -0.23
C ASP A 116 -23.72 6.83 0.07
N SER A 117 -23.18 7.23 1.22
CA SER A 117 -23.44 8.55 1.71
C SER A 117 -22.29 9.02 2.56
N VAL A 118 -22.03 10.32 2.53
N VAL A 118 -21.98 10.31 2.51
CA VAL A 118 -21.02 10.94 3.37
CA VAL A 118 -20.96 10.87 3.39
C VAL A 118 -21.37 10.72 4.84
C VAL A 118 -21.36 10.72 4.86
N VAL A 119 -22.66 10.61 5.13
CA VAL A 119 -23.10 10.32 6.50
C VAL A 119 -22.52 8.99 6.99
N GLN A 120 -22.39 8.01 6.10
CA GLN A 120 -21.76 6.75 6.46
C GLN A 120 -20.28 6.92 6.77
N TRP A 121 -19.62 7.84 6.06
CA TRP A 121 -18.22 8.12 6.34
C TRP A 121 -18.16 8.73 7.74
N MET A 122 -19.07 9.66 8.03
CA MET A 122 -19.12 10.30 9.35
CA MET A 122 -19.08 10.30 9.35
C MET A 122 -19.28 9.27 10.46
N GLU A 123 -20.22 8.35 10.25
CA GLU A 123 -20.50 7.32 11.25
C GLU A 123 -19.25 6.49 11.53
N HIS A 124 -18.49 6.15 10.49
CA HIS A 124 -17.25 5.40 10.72
C HIS A 124 -16.23 6.23 11.50
N PHE A 125 -16.05 7.50 11.13
CA PHE A 125 -15.12 8.38 11.83
C PHE A 125 -15.52 8.58 13.31
N GLU A 126 -16.82 8.54 13.58
CA GLU A 126 -17.35 8.72 14.93
C GLU A 126 -17.22 7.48 15.80
N THR A 127 -17.31 6.30 15.19
CA THR A 127 -17.38 5.04 15.94
C THR A 127 -16.06 4.25 16.03
N TRP A 128 -15.23 4.32 14.99
CA TRP A 128 -13.93 3.67 14.99
C TRP A 128 -13.12 4.31 16.13
N PRO A 129 -12.36 3.51 16.90
CA PRO A 129 -11.65 4.14 18.02
C PRO A 129 -10.72 5.26 17.58
N SER A 130 -10.75 6.37 18.31
CA SER A 130 -10.07 7.59 17.89
C SER A 130 -8.55 7.44 17.79
N HIS A 131 -7.97 6.48 18.49
CA HIS A 131 -6.52 6.33 18.50
C HIS A 131 -5.99 5.41 17.41
N LEU A 132 -6.90 4.85 16.62
CA LEU A 132 -6.51 3.88 15.59
C LEU A 132 -6.55 4.47 14.18
N PRO A 133 -5.68 3.95 13.28
CA PRO A 133 -5.59 4.54 11.94
C PRO A 133 -6.85 4.38 11.09
N ILE A 134 -7.11 5.41 10.29
CA ILE A 134 -8.10 5.36 9.23
C ILE A 134 -7.42 5.76 7.92
N VAL A 135 -7.62 4.94 6.91
CA VAL A 135 -7.07 5.18 5.58
C VAL A 135 -8.24 5.31 4.60
N ALA A 136 -8.15 6.26 3.68
CA ALA A 136 -9.16 6.42 2.65
C ALA A 136 -8.57 6.33 1.25
N HIS A 137 -9.28 5.57 0.42
CA HIS A 137 -9.12 5.68 -1.01
C HIS A 137 -10.02 6.85 -1.39
N ALA A 138 -9.39 7.97 -1.74
CA ALA A 138 -10.10 9.22 -1.95
C ALA A 138 -9.42 9.96 -3.08
N GLU A 139 -10.10 10.08 -4.20
CA GLU A 139 -9.55 10.70 -5.39
C GLU A 139 -10.17 12.07 -5.68
N GLN A 140 -9.35 13.00 -6.11
CA GLN A 140 -9.80 14.31 -6.59
C GLN A 140 -10.63 15.00 -5.51
N GLN A 141 -11.83 15.46 -5.81
CA GLN A 141 -12.58 16.17 -4.77
C GLN A 141 -12.90 15.31 -3.55
N THR A 142 -12.86 13.99 -3.69
CA THR A 142 -13.12 13.12 -2.54
C THR A 142 -12.08 13.34 -1.42
N VAL A 143 -10.87 13.74 -1.78
CA VAL A 143 -9.84 14.05 -0.78
CA VAL A 143 -9.88 14.00 -0.73
C VAL A 143 -10.33 15.19 0.10
N ALA A 144 -10.82 16.24 -0.55
CA ALA A 144 -11.35 17.41 0.18
C ALA A 144 -12.55 16.96 1.04
N ALA A 145 -13.43 16.17 0.46
CA ALA A 145 -14.61 15.72 1.19
C ALA A 145 -14.24 14.91 2.45
N VAL A 146 -13.30 13.95 2.33
CA VAL A 146 -12.96 13.12 3.50
C VAL A 146 -12.18 13.95 4.52
N LEU A 147 -11.39 14.90 4.03
CA LEU A 147 -10.75 15.83 4.96
C LEU A 147 -11.79 16.63 5.78
N MET A 148 -12.89 17.02 5.16
CA MET A 148 -13.95 17.72 5.88
C MET A 148 -14.52 16.83 6.96
N VAL A 149 -14.75 15.56 6.63
CA VAL A 149 -15.32 14.65 7.58
C VAL A 149 -14.35 14.45 8.76
N ALA A 150 -13.07 14.34 8.45
CA ALA A 150 -12.06 14.21 9.51
C ALA A 150 -12.06 15.43 10.42
N GLN A 151 -12.28 16.62 9.86
CA GLN A 151 -12.28 17.82 10.71
C GLN A 151 -13.53 17.88 11.59
N LEU A 152 -14.68 17.51 11.01
CA LEU A 152 -15.95 17.56 11.75
C LEU A 152 -15.87 16.61 12.93
N THR A 153 -15.10 15.55 12.77
CA THR A 153 -15.00 14.53 13.81
C THR A 153 -13.71 14.66 14.63
N GLN A 154 -12.94 15.71 14.33
CA GLN A 154 -11.74 16.05 15.09
CA GLN A 154 -11.66 16.09 14.96
C GLN A 154 -10.68 14.94 15.15
N ARG A 155 -10.35 14.33 14.03
CA ARG A 155 -9.31 13.31 14.04
C ARG A 155 -8.53 13.32 12.72
N SER A 156 -7.54 12.45 12.64
CA SER A 156 -6.64 12.38 11.48
C SER A 156 -7.16 11.42 10.41
N VAL A 157 -6.52 11.49 9.25
CA VAL A 157 -6.80 10.56 8.17
C VAL A 157 -5.56 10.44 7.29
N HIS A 158 -5.36 9.24 6.73
CA HIS A 158 -4.26 8.98 5.82
C HIS A 158 -4.87 8.74 4.45
N ILE A 159 -4.37 9.46 3.44
CA ILE A 159 -4.88 9.34 2.08
C ILE A 159 -4.01 8.40 1.25
N SER A 160 -4.62 7.33 0.72
CA SER A 160 -3.93 6.34 -0.11
C SER A 160 -3.58 6.89 -1.47
N HIS A 161 -2.60 6.23 -2.11
CA HIS A 161 -2.17 6.50 -3.49
C HIS A 161 -2.62 7.87 -4.07
N VAL A 162 -1.92 8.92 -3.64
CA VAL A 162 -2.13 10.23 -4.24
C VAL A 162 -1.46 10.23 -5.62
N ALA A 163 -2.20 10.66 -6.64
CA ALA A 163 -1.76 10.47 -8.04
C ALA A 163 -1.80 11.72 -8.92
N ARG A 164 -2.32 12.81 -8.38
CA ARG A 164 -2.61 14.01 -9.17
C ARG A 164 -2.04 15.29 -8.54
N LYS A 165 -1.67 16.23 -9.39
CA LYS A 165 -1.28 17.58 -8.93
C LYS A 165 -2.38 18.16 -8.03
N GLU A 166 -3.63 18.00 -8.48
CA GLU A 166 -4.79 18.49 -7.73
C GLU A 166 -4.79 17.98 -6.28
N GLU A 167 -4.55 16.69 -6.13
CA GLU A 167 -4.63 16.06 -4.82
C GLU A 167 -3.44 16.46 -3.93
N ILE A 168 -2.23 16.46 -4.50
CA ILE A 168 -1.07 16.75 -3.66
C ILE A 168 -1.09 18.21 -3.20
N LEU A 169 -1.60 19.10 -4.06
CA LEU A 169 -1.68 20.52 -3.68
C LEU A 169 -2.77 20.77 -2.64
N LEU A 170 -3.85 20.00 -2.71
CA LEU A 170 -4.90 20.11 -1.71
CA LEU A 170 -4.89 20.11 -1.71
C LEU A 170 -4.35 19.67 -0.37
N ILE A 171 -3.66 18.53 -0.36
CA ILE A 171 -3.06 18.03 0.88
C ILE A 171 -2.02 19.02 1.42
N LYS A 172 -1.22 19.60 0.53
CA LYS A 172 -0.23 20.59 0.93
CA LYS A 172 -0.23 20.60 0.91
C LYS A 172 -0.92 21.77 1.61
N ALA A 173 -2.05 22.20 1.08
CA ALA A 173 -2.76 23.33 1.65
C ALA A 173 -3.31 22.97 3.02
N ALA A 174 -3.76 21.72 3.16
CA ALA A 174 -4.32 21.23 4.44
C ALA A 174 -3.20 21.19 5.48
N LYS A 175 -2.04 20.69 5.07
CA LYS A 175 -0.90 20.63 6.01
C LYS A 175 -0.47 22.02 6.43
N ALA A 176 -0.53 22.99 5.51
CA ALA A 176 -0.14 24.35 5.86
C ALA A 176 -1.08 24.95 6.89
N ARG A 177 -2.32 24.44 6.94
CA ARG A 177 -3.29 24.87 7.97
C ARG A 177 -3.19 24.04 9.26
N GLY A 178 -2.21 23.16 9.36
CA GLY A 178 -2.03 22.37 10.57
C GLY A 178 -2.97 21.18 10.70
N LEU A 179 -3.64 20.78 9.63
CA LEU A 179 -4.59 19.68 9.73
C LEU A 179 -3.87 18.33 9.77
N PRO A 180 -4.38 17.39 10.57
CA PRO A 180 -3.70 16.09 10.70
C PRO A 180 -4.04 15.13 9.57
N VAL A 181 -3.33 15.29 8.48
CA VAL A 181 -3.49 14.44 7.30
C VAL A 181 -2.12 13.98 6.86
N THR A 182 -2.02 12.71 6.52
CA THR A 182 -0.80 12.18 5.89
C THR A 182 -1.20 11.52 4.59
N CYS A 183 -0.21 11.18 3.77
CA CYS A 183 -0.50 10.56 2.48
C CYS A 183 0.64 9.69 1.98
N GLU A 184 0.33 8.87 0.99
CA GLU A 184 1.31 8.03 0.35
C GLU A 184 1.16 8.17 -1.16
N VAL A 185 2.22 7.82 -1.86
CA VAL A 185 2.25 7.79 -3.32
C VAL A 185 2.84 6.47 -3.77
N ALA A 186 2.23 5.91 -4.81
CA ALA A 186 2.66 4.63 -5.36
C ALA A 186 3.62 4.83 -6.52
N PRO A 187 4.50 3.86 -6.77
CA PRO A 187 5.57 4.03 -7.74
C PRO A 187 5.06 4.26 -9.16
N HIS A 188 3.92 3.65 -9.54
CA HIS A 188 3.42 3.89 -10.90
C HIS A 188 3.04 5.35 -11.13
N HIS A 189 2.69 6.08 -10.07
CA HIS A 189 2.30 7.48 -10.22
C HIS A 189 3.51 8.43 -10.21
N LEU A 190 4.69 7.88 -9.93
CA LEU A 190 5.94 8.60 -10.02
C LEU A 190 6.75 8.27 -11.28
N PHE A 191 6.50 7.09 -11.88
CA PHE A 191 7.36 6.56 -12.93
C PHE A 191 6.62 6.20 -14.22
N LEU A 192 5.30 6.34 -14.21
CA LEU A 192 4.47 6.14 -15.42
C LEU A 192 3.49 7.30 -15.55
N SER A 193 3.01 7.52 -16.77
CA SER A 193 2.06 8.59 -17.01
C SER A 193 1.26 8.24 -18.25
N HIS A 194 0.40 9.17 -18.67
CA HIS A 194 -0.36 9.04 -19.92
C HIS A 194 0.52 8.62 -21.08
N ASP A 195 1.76 9.06 -21.07
CA ASP A 195 2.69 8.80 -22.16
C ASP A 195 2.97 7.31 -22.33
N ASP A 196 2.66 6.52 -21.30
CA ASP A 196 2.93 5.09 -21.35
C ASP A 196 1.71 4.25 -21.76
N LEU A 197 0.55 4.89 -21.90
CA LEU A 197 -0.68 4.16 -22.18
C LEU A 197 -0.66 3.51 -23.56
N GLU A 198 0.02 4.15 -24.51
CA GLU A 198 0.19 3.61 -25.86
CA GLU A 198 0.12 3.58 -25.85
C GLU A 198 0.90 2.27 -25.79
N ARG A 199 1.98 2.22 -25.01
CA ARG A 199 2.73 0.98 -24.85
C ARG A 199 1.91 -0.04 -24.08
N LEU A 200 1.29 0.41 -22.99
CA LEU A 200 0.58 -0.51 -22.10
C LEU A 200 -0.70 -1.05 -22.73
N GLY A 201 -1.40 -0.20 -23.46
CA GLY A 201 -2.72 -0.54 -23.95
C GLY A 201 -3.76 -0.31 -22.86
N PRO A 202 -5.03 -0.33 -23.26
CA PRO A 202 -6.14 0.10 -22.41
C PRO A 202 -6.50 -0.87 -21.29
N GLY A 203 -6.18 -2.15 -21.43
CA GLY A 203 -6.47 -3.11 -20.38
C GLY A 203 -5.39 -3.15 -19.32
N LYS A 204 -4.15 -3.41 -19.73
CA LYS A 204 -3.02 -3.39 -18.77
C LYS A 204 -2.97 -2.05 -18.06
N GLY A 205 -3.29 -0.98 -18.79
CA GLY A 205 -3.16 0.37 -18.27
C GLY A 205 -4.21 0.78 -17.25
N GLU A 206 -5.21 -0.08 -17.03
CA GLU A 206 -6.28 0.22 -16.09
CA GLU A 206 -6.28 0.24 -16.08
C GLU A 206 -5.75 0.17 -14.66
N VAL A 207 -5.90 1.28 -13.94
CA VAL A 207 -5.51 1.34 -12.54
C VAL A 207 -6.30 2.47 -11.89
N ARG A 208 -6.50 2.40 -10.58
CA ARG A 208 -7.17 3.49 -9.85
C ARG A 208 -6.29 3.90 -8.68
N PRO A 209 -6.00 5.19 -8.55
CA PRO A 209 -6.23 6.29 -9.49
C PRO A 209 -5.58 6.00 -10.82
N GLU A 210 -6.16 6.49 -11.91
CA GLU A 210 -5.61 6.26 -13.25
C GLU A 210 -4.23 6.90 -13.37
N LEU A 211 -3.46 6.46 -14.36
CA LEU A 211 -2.18 7.12 -14.63
C LEU A 211 -2.42 8.59 -14.93
N GLY A 212 -1.51 9.43 -14.42
CA GLY A 212 -1.66 10.85 -14.54
C GLY A 212 -0.96 11.43 -15.75
N SER A 213 -1.15 12.72 -15.98
CA SER A 213 -0.40 13.42 -17.00
C SER A 213 1.05 13.62 -16.55
N ARG A 214 1.90 14.03 -17.49
CA ARG A 214 3.28 14.42 -17.20
CA ARG A 214 3.28 14.35 -17.13
C ARG A 214 3.31 15.48 -16.10
N GLN A 215 2.33 16.38 -16.14
CA GLN A 215 2.27 17.48 -15.18
CA GLN A 215 2.27 17.47 -15.17
C GLN A 215 1.87 16.96 -13.80
N ASP A 216 1.02 15.93 -13.76
CA ASP A 216 0.71 15.28 -12.48
C ASP A 216 1.98 14.66 -11.89
N VAL A 217 2.71 13.92 -12.71
CA VAL A 217 3.91 13.24 -12.25
C VAL A 217 4.95 14.26 -11.75
N GLU A 218 5.13 15.32 -12.52
CA GLU A 218 6.08 16.36 -12.15
CA GLU A 218 6.04 16.42 -12.18
C GLU A 218 5.67 17.03 -10.84
N ALA A 219 4.38 17.22 -10.63
CA ALA A 219 3.87 17.86 -9.43
C ALA A 219 4.14 16.99 -8.18
N LEU A 220 4.01 15.67 -8.32
CA LEU A 220 4.31 14.78 -7.18
C LEU A 220 5.81 14.86 -6.81
N TRP A 221 6.69 14.81 -7.80
CA TRP A 221 8.12 14.94 -7.52
C TRP A 221 8.46 16.31 -6.91
N GLU A 222 7.90 17.39 -7.47
CA GLU A 222 8.15 18.73 -6.97
CA GLU A 222 8.16 18.73 -6.97
C GLU A 222 7.69 18.87 -5.52
N ASN A 223 6.65 18.13 -5.17
CA ASN A 223 6.05 18.20 -3.83
C ASN A 223 6.37 16.99 -2.96
N MET A 224 7.56 16.45 -3.17
CA MET A 224 8.02 15.30 -2.41
C MET A 224 7.93 15.54 -0.89
N ALA A 225 8.15 16.78 -0.46
CA ALA A 225 8.10 17.12 0.97
C ALA A 225 6.74 16.85 1.58
N VAL A 226 5.71 16.86 0.72
CA VAL A 226 4.34 16.64 1.15
C VAL A 226 4.00 15.14 1.25
N ILE A 227 4.80 14.29 0.59
CA ILE A 227 4.56 12.84 0.57
C ILE A 227 5.14 12.17 1.82
N ASP A 228 4.29 11.61 2.68
CA ASP A 228 4.77 10.96 3.89
C ASP A 228 5.33 9.56 3.65
N CYS A 229 4.67 8.78 2.78
CA CYS A 229 5.04 7.39 2.55
C CYS A 229 5.04 7.05 1.07
N PHE A 230 5.82 6.06 0.71
CA PHE A 230 5.64 5.34 -0.54
C PHE A 230 4.97 4.04 -0.16
N ALA A 231 4.06 3.57 -1.02
CA ALA A 231 3.44 2.28 -0.81
C ALA A 231 3.05 1.75 -2.18
N SER A 232 3.21 0.46 -2.41
CA SER A 232 3.09 -0.05 -3.79
C SER A 232 1.66 -0.03 -4.33
N ASP A 233 0.68 -0.20 -3.44
CA ASP A 233 -0.68 -0.59 -3.86
C ASP A 233 -0.55 -1.78 -4.78
N HIS A 234 0.24 -2.75 -4.33
CA HIS A 234 0.39 -4.01 -5.02
C HIS A 234 -1.01 -4.61 -5.25
N ALA A 235 -1.42 -4.68 -6.52
CA ALA A 235 -2.80 -5.02 -6.86
C ALA A 235 -2.77 -6.03 -8.00
N PRO A 236 -2.40 -7.28 -7.66
CA PRO A 236 -2.17 -8.29 -8.68
C PRO A 236 -3.47 -8.80 -9.29
N HIS A 237 -3.43 -8.91 -10.61
CA HIS A 237 -4.48 -9.52 -11.43
C HIS A 237 -3.70 -10.25 -12.50
N THR A 238 -4.26 -11.32 -13.04
CA THR A 238 -3.54 -12.07 -14.04
C THR A 238 -3.58 -11.34 -15.38
N LEU A 239 -2.68 -11.73 -16.27
CA LEU A 239 -2.66 -11.12 -17.59
C LEU A 239 -3.97 -11.35 -18.34
N GLU A 240 -4.52 -12.54 -18.19
CA GLU A 240 -5.78 -12.89 -18.82
C GLU A 240 -6.85 -11.90 -18.39
N GLU A 241 -6.82 -11.53 -17.11
CA GLU A 241 -7.79 -10.61 -16.57
C GLU A 241 -7.52 -9.20 -17.08
N LYS A 242 -6.27 -8.78 -17.03
CA LYS A 242 -5.90 -7.43 -17.49
C LYS A 242 -6.16 -7.26 -18.97
N CYS A 243 -6.06 -8.33 -19.75
N CYS A 243 -6.06 -8.34 -19.74
CA CYS A 243 -6.20 -8.24 -21.20
CA CYS A 243 -6.19 -8.27 -21.19
C CYS A 243 -7.60 -8.61 -21.70
C CYS A 243 -7.55 -8.77 -21.71
N GLY A 244 -8.48 -9.00 -20.80
CA GLY A 244 -9.81 -9.47 -21.15
C GLY A 244 -10.81 -8.35 -21.32
N SER A 245 -12.09 -8.70 -21.42
CA SER A 245 -13.12 -7.75 -21.79
C SER A 245 -13.56 -6.83 -20.66
N ARG A 246 -13.22 -7.13 -19.43
CA ARG A 246 -13.60 -6.20 -18.36
C ARG A 246 -12.45 -6.10 -17.39
N PRO A 247 -11.37 -5.45 -17.83
CA PRO A 247 -10.12 -5.50 -17.06
C PRO A 247 -10.27 -4.89 -15.67
N PRO A 248 -9.82 -5.61 -14.64
CA PRO A 248 -9.84 -4.99 -13.32
C PRO A 248 -8.69 -4.00 -13.21
N PRO A 249 -8.86 -2.98 -12.36
CA PRO A 249 -7.79 -2.00 -12.21
C PRO A 249 -6.73 -2.50 -11.22
N GLY A 250 -5.48 -2.15 -11.48
CA GLY A 250 -4.40 -2.43 -10.56
C GLY A 250 -3.16 -2.98 -11.22
N PHE A 251 -2.01 -2.66 -10.61
CA PHE A 251 -0.71 -3.16 -11.02
C PHE A 251 -0.07 -3.94 -9.87
N PRO A 252 0.63 -5.05 -10.18
CA PRO A 252 1.56 -5.61 -9.19
C PRO A 252 2.75 -4.67 -9.05
N GLY A 253 3.39 -4.62 -7.89
CA GLY A 253 4.44 -3.64 -7.67
C GLY A 253 5.44 -3.91 -6.57
N LEU A 254 5.23 -4.94 -5.75
CA LEU A 254 6.18 -5.21 -4.65
C LEU A 254 7.60 -5.45 -5.15
N GLU A 255 7.74 -6.18 -6.25
CA GLU A 255 9.08 -6.55 -6.70
C GLU A 255 9.81 -5.44 -7.44
N THR A 256 9.06 -4.43 -7.90
CA THR A 256 9.65 -3.35 -8.68
C THR A 256 9.78 -2.02 -7.93
N MET A 257 9.09 -1.85 -6.81
CA MET A 257 9.05 -0.55 -6.14
C MET A 257 10.44 -0.09 -5.71
N LEU A 258 11.16 -0.93 -4.97
CA LEU A 258 12.46 -0.49 -4.44
C LEU A 258 13.49 -0.26 -5.57
N PRO A 259 13.59 -1.20 -6.53
CA PRO A 259 14.50 -0.92 -7.65
C PRO A 259 14.20 0.39 -8.37
N LEU A 260 12.93 0.70 -8.61
CA LEU A 260 12.59 1.98 -9.24
C LEU A 260 13.07 3.17 -8.39
N LEU A 261 12.79 3.11 -7.09
CA LEU A 261 13.15 4.21 -6.19
C LEU A 261 14.67 4.34 -6.00
N LEU A 262 15.37 3.21 -5.95
CA LEU A 262 16.82 3.24 -5.87
C LEU A 262 17.43 3.87 -7.11
N THR A 263 16.81 3.63 -8.27
CA THR A 263 17.28 4.27 -9.50
C THR A 263 17.19 5.78 -9.34
N ALA A 264 16.06 6.24 -8.83
CA ALA A 264 15.84 7.67 -8.63
C ALA A 264 16.85 8.23 -7.63
N VAL A 265 17.13 7.46 -6.58
CA VAL A 265 18.17 7.90 -5.64
C VAL A 265 19.53 8.06 -6.33
N SER A 266 19.89 7.12 -7.20
CA SER A 266 21.17 7.15 -7.90
CA SER A 266 21.20 7.20 -7.84
C SER A 266 21.28 8.35 -8.83
N GLU A 267 20.13 8.82 -9.30
CA GLU A 267 20.08 9.96 -10.21
C GLU A 267 19.95 11.27 -9.43
N GLY A 268 19.93 11.17 -8.10
CA GLY A 268 19.82 12.36 -7.26
C GLY A 268 18.44 13.00 -7.25
N ARG A 269 17.40 12.23 -7.57
CA ARG A 269 16.03 12.78 -7.57
C ARG A 269 15.46 12.88 -6.17
N LEU A 270 15.98 12.04 -5.28
CA LEU A 270 15.73 12.13 -3.85
C LEU A 270 16.90 11.42 -3.18
N SER A 271 17.06 11.63 -1.89
CA SER A 271 18.16 11.03 -1.15
C SER A 271 17.77 9.68 -0.57
N LEU A 272 18.78 8.93 -0.15
CA LEU A 272 18.54 7.67 0.51
C LEU A 272 17.70 7.90 1.77
N ASP A 273 18.03 8.94 2.53
CA ASP A 273 17.20 9.27 3.68
C ASP A 273 15.74 9.55 3.30
N ASP A 274 15.52 10.31 2.22
CA ASP A 274 14.15 10.63 1.78
C ASP A 274 13.39 9.32 1.58
N LEU A 275 14.09 8.35 0.99
CA LEU A 275 13.51 7.04 0.72
CA LEU A 275 13.51 7.03 0.72
C LEU A 275 13.19 6.30 2.02
N LEU A 276 14.13 6.29 2.96
CA LEU A 276 13.93 5.56 4.20
C LEU A 276 12.89 6.22 5.12
N GLN A 277 12.75 7.54 5.05
CA GLN A 277 11.64 8.16 5.76
C GLN A 277 10.31 7.60 5.23
N ARG A 278 10.23 7.42 3.91
CA ARG A 278 8.97 7.13 3.26
C ARG A 278 8.65 5.64 3.17
N LEU A 279 9.66 4.79 3.30
CA LEU A 279 9.44 3.32 3.32
C LEU A 279 9.78 2.65 4.65
N HIS A 280 10.02 3.44 5.70
CA HIS A 280 10.34 2.83 6.98
C HIS A 280 9.82 3.66 8.15
N HIS A 281 10.38 4.87 8.34
CA HIS A 281 10.06 5.65 9.53
C HIS A 281 8.61 6.16 9.57
N ASN A 282 8.15 6.73 8.46
CA ASN A 282 6.81 7.30 8.46
C ASN A 282 5.74 6.22 8.48
N PRO A 283 5.94 5.12 7.72
CA PRO A 283 5.01 4.01 7.91
C PRO A 283 4.91 3.54 9.37
N ARG A 284 6.05 3.40 10.04
CA ARG A 284 6.04 3.00 11.44
C ARG A 284 5.21 3.92 12.28
N ARG A 285 5.43 5.23 12.10
CA ARG A 285 4.84 6.19 13.04
C ARG A 285 3.38 6.49 12.77
N ILE A 286 2.96 6.38 11.51
CA ILE A 286 1.57 6.64 11.16
C ILE A 286 0.69 5.47 11.59
N PHE A 287 1.18 4.25 11.38
CA PHE A 287 0.40 3.05 11.66
C PHE A 287 0.81 2.36 12.96
N HIS A 288 1.69 2.99 13.73
CA HIS A 288 2.09 2.43 15.03
C HIS A 288 2.60 1.00 14.87
N LEU A 289 3.45 0.79 13.89
CA LEU A 289 3.99 -0.54 13.61
C LEU A 289 5.27 -0.74 14.41
N PRO A 290 5.46 -1.93 14.97
CA PRO A 290 6.63 -2.15 15.84
C PRO A 290 7.90 -2.34 15.03
N PRO A 291 9.06 -2.15 15.65
CA PRO A 291 10.32 -2.56 15.02
C PRO A 291 10.38 -4.07 14.84
N GLN A 292 11.23 -4.49 13.92
CA GLN A 292 11.54 -5.90 13.73
C GLN A 292 12.99 -6.14 14.15
N GLU A 293 13.17 -6.93 15.21
CA GLU A 293 14.50 -7.27 15.71
CA GLU A 293 14.51 -7.27 15.71
C GLU A 293 15.32 -7.99 14.64
N ASP A 294 16.63 -7.74 14.64
CA ASP A 294 17.59 -8.40 13.75
CA ASP A 294 17.55 -8.44 13.76
C ASP A 294 17.05 -8.52 12.31
N THR A 295 16.63 -7.40 11.76
CA THR A 295 16.01 -7.35 10.45
C THR A 295 16.65 -6.25 9.61
N TYR A 296 17.07 -6.60 8.39
CA TYR A 296 17.70 -5.63 7.51
C TYR A 296 17.74 -6.11 6.08
N VAL A 297 18.01 -5.18 5.18
CA VAL A 297 18.03 -5.43 3.75
C VAL A 297 19.34 -4.94 3.18
N GLU A 298 20.01 -5.77 2.40
CA GLU A 298 21.24 -5.37 1.74
C GLU A 298 20.96 -5.16 0.27
N VAL A 299 21.31 -3.98 -0.24
CA VAL A 299 21.07 -3.65 -1.64
C VAL A 299 22.37 -3.27 -2.33
N ASP A 300 22.36 -3.49 -3.64
CA ASP A 300 23.47 -3.18 -4.53
C ASP A 300 23.00 -2.01 -5.40
N LEU A 301 23.64 -0.87 -5.28
CA LEU A 301 23.17 0.34 -5.98
C LEU A 301 23.82 0.51 -7.34
N GLU A 302 24.76 -0.38 -7.68
CA GLU A 302 25.53 -0.25 -8.90
C GLU A 302 25.00 -1.11 -10.04
N HIS A 303 24.26 -2.16 -9.71
CA HIS A 303 23.86 -3.14 -10.73
C HIS A 303 22.73 -2.61 -11.63
N GLU A 304 23.02 -2.52 -12.91
CA GLU A 304 22.04 -2.10 -13.90
C GLU A 304 21.33 -3.28 -14.55
N TRP A 305 20.01 -3.19 -14.63
CA TRP A 305 19.22 -4.24 -15.26
C TRP A 305 17.94 -3.68 -15.85
N THR A 306 17.27 -4.48 -16.66
CA THR A 306 16.05 -4.08 -17.34
C THR A 306 14.90 -4.92 -16.81
N ILE A 307 13.81 -4.28 -16.43
CA ILE A 307 12.68 -5.01 -15.88
CA ILE A 307 12.65 -4.98 -15.90
C ILE A 307 12.09 -5.92 -16.96
N PRO A 308 11.96 -7.22 -16.63
CA PRO A 308 11.47 -8.19 -17.62
C PRO A 308 9.94 -8.17 -17.76
N SER A 309 9.39 -9.08 -18.57
CA SER A 309 7.95 -9.05 -18.81
C SER A 309 7.17 -9.52 -17.60
N HIS A 310 7.81 -10.25 -16.70
CA HIS A 310 7.19 -10.56 -15.42
C HIS A 310 8.27 -10.76 -14.36
N MET A 311 8.00 -10.34 -13.12
CA MET A 311 8.93 -10.60 -12.03
C MET A 311 8.73 -12.01 -11.51
N PRO A 312 9.75 -12.55 -10.81
CA PRO A 312 9.72 -13.97 -10.47
C PRO A 312 8.59 -14.46 -9.56
N PHE A 313 8.11 -13.64 -8.63
CA PHE A 313 7.24 -14.16 -7.57
C PHE A 313 5.74 -13.90 -7.68
N SER A 314 5.33 -12.68 -8.01
CA SER A 314 3.92 -12.38 -8.00
C SER A 314 3.20 -13.27 -8.99
N LYS A 315 2.08 -13.86 -8.56
CA LYS A 315 1.25 -14.64 -9.46
C LYS A 315 0.60 -13.80 -10.58
N ALA A 316 0.69 -12.47 -10.47
CA ALA A 316 0.15 -11.60 -11.54
C ALA A 316 0.82 -11.97 -12.85
N HIS A 317 2.11 -12.28 -12.77
CA HIS A 317 2.88 -12.75 -13.93
C HIS A 317 2.89 -11.74 -15.10
N TRP A 318 2.94 -10.46 -14.77
CA TRP A 318 3.10 -9.38 -15.75
C TRP A 318 3.55 -8.16 -14.94
N THR A 319 3.99 -7.11 -15.63
CA THR A 319 4.33 -5.86 -14.94
C THR A 319 4.24 -4.69 -15.90
N PRO A 320 3.64 -3.57 -15.45
CA PRO A 320 3.59 -2.42 -16.35
C PRO A 320 4.94 -1.70 -16.54
N PHE A 321 5.95 -2.08 -15.76
CA PHE A 321 7.28 -1.45 -15.87
C PHE A 321 8.21 -2.20 -16.81
N GLU A 322 7.69 -3.21 -17.52
CA GLU A 322 8.51 -3.99 -18.43
C GLU A 322 9.30 -3.06 -19.36
N GLY A 323 10.60 -3.31 -19.46
CA GLY A 323 11.45 -2.57 -20.39
C GLY A 323 12.12 -1.35 -19.78
N GLN A 324 11.72 -0.96 -18.56
CA GLN A 324 12.37 0.15 -17.90
C GLN A 324 13.74 -0.27 -17.37
N LYS A 325 14.72 0.60 -17.54
CA LYS A 325 16.06 0.35 -17.03
C LYS A 325 16.15 0.88 -15.60
N VAL A 326 16.69 0.05 -14.72
CA VAL A 326 16.82 0.41 -13.31
C VAL A 326 18.24 0.15 -12.87
N LYS A 327 18.61 0.78 -11.76
CA LYS A 327 19.94 0.63 -11.20
C LYS A 327 19.70 0.52 -9.72
N GLY A 328 20.04 -0.64 -9.17
CA GLY A 328 19.61 -0.97 -7.82
C GLY A 328 18.93 -2.34 -7.73
N THR A 329 19.50 -3.17 -6.87
CA THR A 329 19.08 -4.55 -6.60
C THR A 329 18.99 -4.98 -5.15
N VAL A 330 17.96 -5.71 -4.78
CA VAL A 330 17.91 -6.35 -3.48
C VAL A 330 18.78 -7.60 -3.54
N ARG A 331 19.84 -7.67 -2.72
CA ARG A 331 20.74 -8.82 -2.71
C ARG A 331 20.41 -9.79 -1.58
N ARG A 332 20.09 -9.26 -0.41
CA ARG A 332 19.84 -10.10 0.74
C ARG A 332 18.89 -9.46 1.72
N VAL A 333 18.02 -10.28 2.29
CA VAL A 333 17.10 -9.84 3.33
C VAL A 333 17.21 -10.80 4.51
N VAL A 334 17.35 -10.21 5.69
CA VAL A 334 17.36 -10.94 6.94
C VAL A 334 16.15 -10.47 7.74
N LEU A 335 15.32 -11.43 8.15
CA LEU A 335 14.10 -11.15 8.90
C LEU A 335 14.17 -11.90 10.23
N ARG A 336 14.24 -11.13 11.31
CA ARG A 336 14.25 -11.68 12.67
C ARG A 336 15.31 -12.79 12.80
N GLY A 337 16.49 -12.48 12.26
CA GLY A 337 17.65 -13.32 12.45
C GLY A 337 17.78 -14.50 11.51
N GLU A 338 16.85 -14.64 10.56
CA GLU A 338 16.94 -15.70 9.55
C GLU A 338 17.11 -15.08 8.16
N VAL A 339 17.92 -15.72 7.32
CA VAL A 339 18.04 -15.28 5.95
C VAL A 339 16.73 -15.59 5.27
N ALA A 340 16.09 -14.55 4.73
CA ALA A 340 14.76 -14.67 4.15
C ALA A 340 14.81 -14.66 2.63
N TYR A 341 15.82 -14.00 2.08
CA TYR A 341 15.96 -13.85 0.64
C TYR A 341 17.42 -13.59 0.24
N ILE A 342 17.89 -14.31 -0.76
CA ILE A 342 19.20 -14.04 -1.36
CA ILE A 342 19.17 -14.00 -1.35
C ILE A 342 19.11 -14.18 -2.86
N ASP A 343 19.44 -13.11 -3.58
CA ASP A 343 19.60 -13.15 -5.04
C ASP A 343 18.59 -14.00 -5.79
N GLY A 344 17.31 -13.78 -5.52
CA GLY A 344 16.25 -14.42 -6.27
C GLY A 344 15.67 -15.67 -5.61
N GLN A 345 16.27 -16.11 -4.51
CA GLN A 345 15.79 -17.28 -3.77
C GLN A 345 15.19 -16.85 -2.43
N VAL A 346 13.93 -17.20 -2.20
CA VAL A 346 13.31 -17.01 -0.91
C VAL A 346 13.63 -18.22 -0.02
N LEU A 347 14.02 -17.97 1.22
CA LEU A 347 14.58 -19.00 2.09
C LEU A 347 13.85 -19.16 3.42
N VAL A 348 12.73 -18.45 3.58
CA VAL A 348 11.83 -18.72 4.69
C VAL A 348 10.50 -19.27 4.15
N PRO A 349 9.91 -20.23 4.87
CA PRO A 349 8.70 -20.90 4.38
C PRO A 349 7.44 -20.09 4.61
N PRO A 350 6.36 -20.44 3.91
CA PRO A 350 5.06 -19.85 4.26
C PRO A 350 4.79 -20.14 5.72
N GLY A 351 4.34 -19.15 6.47
CA GLY A 351 4.09 -19.33 7.89
C GLY A 351 5.18 -18.74 8.78
N TYR A 352 6.32 -18.38 8.20
CA TYR A 352 7.37 -17.76 8.99
C TYR A 352 6.92 -16.38 9.49
N GLY A 353 6.12 -15.70 8.69
CA GLY A 353 5.64 -14.37 9.04
C GLY A 353 4.65 -14.35 10.18
N GLN A 354 4.61 -13.22 10.90
CA GLN A 354 3.75 -13.07 12.08
C GLN A 354 2.93 -11.78 12.01
N ASP A 355 1.80 -11.79 12.72
CA ASP A 355 0.90 -10.67 12.85
C ASP A 355 1.47 -9.71 13.88
N VAL A 356 1.99 -8.57 13.42
CA VAL A 356 2.69 -7.66 14.33
C VAL A 356 1.77 -7.05 15.39
N ARG A 357 0.46 -7.01 15.14
CA ARG A 357 -0.47 -6.46 16.13
C ARG A 357 -0.60 -7.34 17.37
N LYS A 358 -0.12 -8.58 17.29
CA LYS A 358 -0.14 -9.50 18.43
C LYS A 358 1.14 -9.38 19.27
N TRP A 359 2.14 -8.67 18.78
CA TRP A 359 3.34 -8.43 19.56
C TRP A 359 3.02 -7.38 20.62
N PRO A 360 3.58 -7.51 21.83
CA PRO A 360 3.32 -6.51 22.87
C PRO A 360 3.66 -5.09 22.40
N GLN A 361 4.73 -4.99 21.63
CA GLN A 361 5.20 -3.70 21.14
C GLN A 361 4.42 -3.23 19.89
N GLY A 362 3.49 -4.06 19.42
CA GLY A 362 2.71 -3.73 18.23
C GLY A 362 1.30 -3.25 18.51
N ALA A 363 0.88 -3.26 19.77
CA ALA A 363 -0.40 -2.72 20.17
C ALA A 363 -0.32 -1.19 20.14
N VAL A 364 -1.42 -0.53 19.76
CA VAL A 364 -1.42 0.92 19.66
C VAL A 364 -1.72 1.47 21.04
N PRO A 365 -0.85 2.35 21.54
CA PRO A 365 -1.08 2.87 22.89
C PRO A 365 -2.39 3.65 22.99
N GLN A 366 -3.13 3.52 24.10
CA GLN A 366 -4.35 4.28 24.27
C GLN A 366 -4.56 4.65 25.73
N LEU A 367 -5.31 5.71 25.93
CA LEU A 367 -5.70 6.11 27.27
C LEU A 367 -6.62 5.04 27.86
N PRO A 368 -6.52 4.79 29.18
CA PRO A 368 -7.42 3.80 29.80
C PRO A 368 -8.89 4.12 29.49
N PRO A 369 -9.61 3.18 28.85
CA PRO A 369 -11.03 3.45 28.54
C PRO A 369 -11.96 3.04 29.69
#